data_9E3A
#
_entry.id   9E3A
#
_cell.length_a   1.00
_cell.length_b   1.00
_cell.length_c   1.00
_cell.angle_alpha   90.00
_cell.angle_beta   90.00
_cell.angle_gamma   90.00
#
_symmetry.space_group_name_H-M   'P 1'
#
loop_
_entity.id
_entity.type
_entity.pdbx_description
1 polymer 'Protein arginine N-methyltransferase 5'
2 polymer 'Methylosome protein WDR77'
3 polymer 'Methylosome subunit pICln'
#
loop_
_entity_poly.entity_id
_entity_poly.type
_entity_poly.pdbx_seq_one_letter_code
_entity_poly.pdbx_strand_id
1 'polypeptide(L)'
;MAAMAVGGAGGSRVSSGRDLNCVPEIADTLGAVAKQGFDFLCMPVFHPRFKREFIQEPAKNRPGPQTRSDLLLSGRDWNT
LIVGKLSPWIRPDSKVEKIRRNSEAAMLQELNFGAYLGLPAFLLPLNQEDNTNLARVLTNHIHTGHHSSMFWMRVPLVAP
EDLRDDIIENAPTTHTEEYSGEEKTWMWWHNFRTLCDYSKRIAVALEIGADLPSNHVIDRWLGEPIKAAILPTSIFLTNK
KGFPVLSKMHQRLIFRLLKLEVQFIITGTNHHSEKEFCSYLQYLEYLSQNRPPPNAYELFAKGYEDYLQSPLQPLMDNLE
SQTYEVFEKDPIKYSQYQQAIYKCLLDRVPEEEKDTNVQVLMVLGAGRGPLVNASLRAAKQADRRIKLYAVEKNPNAVVT
LENWQFEEWGSQVTVVSSDMREWVAPEKADIIVSELLGSFADNELSPECLDGAQHFLKDDGVSIPGEYTSFLAPISSSKL
YNEVRACREKDRDPEAQFEMPYVVRLHNFHQLSAPQPCFTFSHPNRDPMIDNNRYCTLEFPVEVNTVLHGFAGYFETVLY
QDITLSIRPETHSPGMFSWFPILFPIKQPITVREGQTICVRFWRCSNSKKVWYEWAVTAPVCSAIHNPTGRSYTIGL
;
J
2 'polypeptide(L)'
;GGGRTMRKETPPPLVPPAAREWNLPPNAPACMERQLEAARYRSDGALLLGASSLSGRCWAGSLWLFKDPCAAPNEGFCSA
GVQTEAGVADLTWVGERGILVASDSGAVELWELDENETLIVSKFCKYEHDDIVSTVSVLSSGTQAVSGSKDICIKVWDLA
QQVVLSSYRAHAAQVTCVAASPHKDSVFLSCSEDNRILLWDTRCPKPASQIGCSAPGYLPTSLAWHPQQSEVFVFGDENG
TVSLVDTKSTSCVLSSAVHSQCVTGLVFSPHSVPFLASLSEDCSLAVLDSSLSELFRSQAHRDFVRDATWSPLNHSLLTT
VGWDHQVVHHVVPTEPLPAPGPASVTE
;
K
3 'polypeptide(L)'
;SSGSMSFLKSFPPPGPAEGLLRQQPDTEAVLNGKGLGTGTLYIAESRLSWLDGSGLGFSLEYPTISLHALSRDRSDCLGE
HLYVMVNAKFEEESKEPVADEEEEDSDDDVEPITEFRFVPSDKSALEAMFTAMCECQALHPDPEDEDSDDYDGEEYDVEA
HEQGQGDIPTFYTYEEGLSHLTAEGQATLERLEGMLSQSVSSQYNMAGVRTEDSIRDYEDGMEVDTTPTVAGQFEDADVD
H
;
L
#
# COMPACT_ATOMS: atom_id res chain seq x y z
N SER A 15 -11.73 24.07 -8.00
CA SER A 15 -10.36 24.09 -7.49
C SER A 15 -10.19 23.06 -6.39
N SER A 16 -10.43 21.79 -6.71
CA SER A 16 -10.30 20.71 -5.75
C SER A 16 -10.09 19.39 -6.49
N GLY A 17 -9.47 18.43 -5.79
CA GLY A 17 -9.25 17.12 -6.36
C GLY A 17 -9.47 16.06 -5.31
N ARG A 18 -9.59 14.81 -5.76
CA ARG A 18 -9.89 13.71 -4.86
C ARG A 18 -8.69 12.87 -4.50
N ASP A 19 -7.74 12.69 -5.41
CA ASP A 19 -6.55 11.88 -5.17
C ASP A 19 -6.94 10.48 -4.72
N LEU A 20 -7.58 9.76 -5.64
CA LEU A 20 -7.94 8.37 -5.41
C LEU A 20 -6.76 7.47 -5.77
N ASN A 21 -6.39 6.59 -4.84
CA ASN A 21 -5.31 5.64 -5.08
C ASN A 21 -5.81 4.31 -5.66
N CYS A 22 -7.11 4.12 -5.77
CA CYS A 22 -7.68 2.95 -6.41
C CYS A 22 -8.71 3.41 -7.44
N VAL A 23 -8.60 2.89 -8.65
CA VAL A 23 -9.50 3.27 -9.74
C VAL A 23 -9.97 2.00 -10.45
N PRO A 24 -11.10 1.40 -10.04
CA PRO A 24 -11.57 0.19 -10.73
C PRO A 24 -11.78 0.42 -12.21
N GLU A 25 -12.59 1.43 -12.55
CA GLU A 25 -12.82 1.81 -13.94
C GLU A 25 -12.71 3.32 -14.06
N ILE A 26 -11.96 3.77 -15.07
CA ILE A 26 -11.64 5.19 -15.18
C ILE A 26 -12.90 6.02 -15.39
N ALA A 27 -13.77 5.59 -16.32
CA ALA A 27 -14.97 6.36 -16.61
C ALA A 27 -15.85 6.49 -15.38
N ASP A 28 -16.08 5.38 -14.68
CA ASP A 28 -16.93 5.40 -13.50
C ASP A 28 -16.37 6.32 -12.43
N THR A 29 -15.07 6.18 -12.13
CA THR A 29 -14.45 6.99 -11.10
C THR A 29 -14.52 8.47 -11.46
N LEU A 30 -14.22 8.79 -12.72
CA LEU A 30 -14.24 10.19 -13.14
C LEU A 30 -15.63 10.78 -13.03
N GLY A 31 -16.65 10.03 -13.48
CA GLY A 31 -18.01 10.53 -13.37
C GLY A 31 -18.42 10.74 -11.93
N ALA A 32 -18.12 9.77 -11.06
CA ALA A 32 -18.49 9.89 -9.66
C ALA A 32 -17.80 11.08 -9.01
N VAL A 33 -16.50 11.26 -9.29
CA VAL A 33 -15.77 12.38 -8.71
C VAL A 33 -16.35 13.69 -9.19
N ALA A 34 -16.67 13.79 -10.49
CA ALA A 34 -17.26 15.02 -10.99
C ALA A 34 -18.60 15.30 -10.32
N LYS A 35 -19.41 14.27 -10.10
CA LYS A 35 -20.68 14.46 -9.43
C LYS A 35 -20.52 14.94 -8.00
N GLN A 36 -19.36 14.72 -7.40
CA GLN A 36 -19.13 15.14 -6.02
C GLN A 36 -18.68 16.59 -5.90
N GLY A 37 -18.53 17.31 -7.01
CA GLY A 37 -18.16 18.70 -6.98
C GLY A 37 -16.72 19.01 -7.32
N PHE A 38 -15.85 18.00 -7.33
CA PHE A 38 -14.47 18.22 -7.73
C PHE A 38 -14.41 18.67 -9.19
N ASP A 39 -13.19 18.95 -9.66
CA ASP A 39 -12.98 19.30 -11.05
C ASP A 39 -11.78 18.61 -11.68
N PHE A 40 -10.96 17.91 -10.89
CA PHE A 40 -9.87 17.13 -11.43
C PHE A 40 -9.60 15.95 -10.51
N LEU A 41 -8.95 14.92 -11.04
CA LEU A 41 -8.74 13.67 -10.34
C LEU A 41 -7.27 13.34 -10.33
N CYS A 42 -6.74 12.97 -9.16
CA CYS A 42 -5.35 12.53 -9.02
C CYS A 42 -5.36 11.01 -8.92
N MET A 43 -4.99 10.34 -10.00
CA MET A 43 -5.03 8.89 -10.09
C MET A 43 -3.65 8.33 -10.41
N PRO A 44 -3.41 7.06 -10.11
CA PRO A 44 -2.14 6.45 -10.50
C PRO A 44 -2.17 6.02 -11.96
N VAL A 45 -1.18 6.48 -12.73
CA VAL A 45 -1.10 6.09 -14.13
C VAL A 45 -0.90 4.57 -14.25
N PHE A 46 -0.05 4.00 -13.40
CA PHE A 46 0.18 2.56 -13.35
C PHE A 46 -0.39 2.02 -12.05
N HIS A 47 -0.66 0.72 -12.03
CA HIS A 47 -1.20 0.11 -10.82
C HIS A 47 -0.18 0.23 -9.70
N PRO A 48 -0.57 0.67 -8.51
CA PRO A 48 0.41 0.89 -7.44
C PRO A 48 1.19 -0.34 -7.04
N ARG A 49 0.67 -1.54 -7.31
CA ARG A 49 1.31 -2.77 -6.86
C ARG A 49 1.88 -3.60 -8.00
N PHE A 50 1.86 -3.09 -9.23
CA PHE A 50 2.33 -3.84 -10.39
C PHE A 50 3.82 -3.55 -10.59
N LYS A 51 4.63 -4.07 -9.68
CA LYS A 51 6.07 -3.90 -9.79
C LYS A 51 6.58 -4.52 -11.08
N ARG A 52 7.56 -3.87 -11.70
CA ARG A 52 8.08 -4.28 -13.00
C ARG A 52 9.58 -4.40 -12.95
N GLU A 53 10.11 -5.38 -13.68
CA GLU A 53 11.54 -5.66 -13.74
C GLU A 53 12.07 -5.30 -15.12
N PHE A 54 13.29 -4.77 -15.17
CA PHE A 54 13.86 -4.27 -16.41
C PHE A 54 15.22 -4.83 -16.76
N ILE A 55 15.80 -5.72 -15.93
CA ILE A 55 17.14 -6.25 -16.18
C ILE A 55 17.15 -7.77 -16.17
N GLN A 56 16.67 -8.39 -15.09
CA GLN A 56 16.84 -9.82 -14.86
C GLN A 56 15.71 -10.59 -15.50
N GLU A 57 16.05 -11.59 -16.31
CA GLU A 57 15.06 -12.49 -16.86
C GLU A 57 14.53 -13.40 -15.75
N PRO A 58 13.34 -13.98 -15.93
CA PRO A 58 12.41 -13.84 -17.04
C PRO A 58 11.40 -12.72 -16.82
N ALA A 59 11.48 -12.01 -15.69
CA ALA A 59 10.50 -10.99 -15.38
C ALA A 59 10.48 -9.87 -16.41
N LYS A 60 11.62 -9.58 -17.04
CA LYS A 60 11.65 -8.50 -18.01
C LYS A 60 10.87 -8.82 -19.28
N ASN A 61 10.52 -10.08 -19.49
CA ASN A 61 9.74 -10.49 -20.65
C ASN A 61 8.25 -10.58 -20.37
N ARG A 62 7.77 -9.92 -19.33
CA ARG A 62 6.37 -9.98 -18.95
C ARG A 62 5.50 -9.58 -20.14
N PRO A 63 4.73 -10.50 -20.72
CA PRO A 63 3.90 -10.14 -21.87
C PRO A 63 2.63 -9.41 -21.45
N GLY A 64 1.89 -8.97 -22.47
CA GLY A 64 0.60 -8.35 -22.26
C GLY A 64 0.72 -6.87 -21.93
N PRO A 65 -0.41 -6.16 -21.99
CA PRO A 65 -0.38 -4.72 -21.70
C PRO A 65 0.11 -4.44 -20.30
N GLN A 66 0.88 -3.37 -20.15
CA GLN A 66 1.38 -2.95 -18.84
C GLN A 66 0.54 -1.85 -18.20
N THR A 67 -0.40 -1.27 -18.95
CA THR A 67 -1.23 -0.20 -18.39
C THR A 67 -2.45 -0.03 -19.29
N ARG A 68 -3.52 0.47 -18.69
CA ARG A 68 -4.77 0.68 -19.43
C ARG A 68 -4.53 1.60 -20.63
N SER A 69 -5.14 1.24 -21.75
CA SER A 69 -4.97 2.01 -22.97
C SER A 69 -5.46 3.44 -22.78
N ASP A 70 -4.82 4.36 -23.51
CA ASP A 70 -5.14 5.77 -23.36
C ASP A 70 -6.40 6.18 -24.12
N LEU A 71 -7.00 5.28 -24.92
CA LEU A 71 -8.19 5.64 -25.67
C LEU A 71 -9.42 5.83 -24.78
N LEU A 72 -9.33 5.48 -23.49
CA LEU A 72 -10.51 5.54 -22.63
C LEU A 72 -11.03 6.95 -22.45
N LEU A 73 -10.21 7.97 -22.69
CA LEU A 73 -10.62 9.35 -22.44
C LEU A 73 -10.15 10.24 -23.58
N SER A 74 -10.94 11.27 -23.85
CA SER A 74 -10.64 12.19 -24.93
C SER A 74 -9.39 13.00 -24.61
N GLY A 75 -8.72 13.45 -25.66
CA GLY A 75 -7.46 14.16 -25.48
C GLY A 75 -7.60 15.37 -24.58
N ARG A 76 -8.70 16.10 -24.70
CA ARG A 76 -8.94 17.23 -23.82
C ARG A 76 -9.07 16.77 -22.37
N ASP A 77 -9.68 15.61 -22.16
CA ASP A 77 -9.90 15.12 -20.80
C ASP A 77 -8.57 14.87 -20.09
N TRP A 78 -7.63 14.21 -20.78
CA TRP A 78 -6.34 13.95 -20.16
C TRP A 78 -5.64 15.26 -19.79
N ASN A 79 -5.73 16.26 -20.67
CA ASN A 79 -4.99 17.50 -20.48
C ASN A 79 -5.53 18.34 -19.33
N THR A 80 -6.73 18.10 -18.86
CA THR A 80 -7.35 19.02 -17.90
C THR A 80 -7.82 18.35 -16.62
N LEU A 81 -8.33 17.12 -16.68
CA LEU A 81 -9.01 16.55 -15.53
C LEU A 81 -8.16 15.56 -14.74
N ILE A 82 -7.12 15.00 -15.34
CA ILE A 82 -6.34 13.94 -14.72
C ILE A 82 -5.00 14.51 -14.27
N VAL A 83 -4.50 14.02 -13.14
CA VAL A 83 -3.17 14.35 -12.65
C VAL A 83 -2.50 13.05 -12.22
N GLY A 84 -1.31 12.79 -12.76
CA GLY A 84 -0.64 11.53 -12.49
C GLY A 84 0.00 11.48 -11.13
N LYS A 85 0.26 10.26 -10.68
CA LYS A 85 0.96 10.01 -9.43
C LYS A 85 1.98 8.90 -9.65
N LEU A 86 3.17 9.08 -9.10
CA LEU A 86 4.23 8.10 -9.25
C LEU A 86 3.92 6.86 -8.40
N SER A 87 4.35 5.69 -8.87
CA SER A 87 4.09 4.44 -8.16
C SER A 87 4.76 4.48 -6.79
N PRO A 88 4.11 3.97 -5.74
CA PRO A 88 4.71 4.06 -4.40
C PRO A 88 5.91 3.15 -4.18
N TRP A 89 6.12 2.15 -5.05
CA TRP A 89 7.20 1.20 -4.86
C TRP A 89 8.51 1.65 -5.50
N ILE A 90 8.55 2.83 -6.09
CA ILE A 90 9.75 3.33 -6.76
C ILE A 90 10.62 4.05 -5.75
N ARG A 91 11.84 3.56 -5.56
CA ARG A 91 12.80 4.13 -4.61
C ARG A 91 14.11 4.37 -5.32
N PRO A 92 14.22 5.47 -6.07
CA PRO A 92 15.46 5.71 -6.83
C PRO A 92 16.70 5.77 -5.96
N ASP A 93 16.57 6.21 -4.72
CA ASP A 93 17.70 6.37 -3.82
C ASP A 93 17.91 5.17 -2.90
N SER A 94 17.44 3.98 -3.31
CA SER A 94 17.63 2.81 -2.48
C SER A 94 19.10 2.42 -2.41
N LYS A 95 19.44 1.64 -1.40
CA LYS A 95 20.82 1.20 -1.20
C LYS A 95 21.15 -0.08 -1.95
N VAL A 96 20.17 -0.73 -2.56
CA VAL A 96 20.40 -1.95 -3.33
C VAL A 96 20.48 -1.59 -4.80
N GLU A 97 21.59 -1.95 -5.44
CA GLU A 97 21.82 -1.50 -6.81
C GLU A 97 20.69 -1.96 -7.73
N LYS A 98 20.27 -3.21 -7.62
CA LYS A 98 19.19 -3.69 -8.48
C LYS A 98 17.90 -2.90 -8.23
N ILE A 99 17.58 -2.65 -6.97
CA ILE A 99 16.39 -1.87 -6.65
C ILE A 99 16.52 -0.46 -7.20
N ARG A 100 17.72 0.12 -7.11
CA ARG A 100 17.93 1.46 -7.63
C ARG A 100 17.70 1.50 -9.15
N ARG A 101 18.26 0.54 -9.87
CA ARG A 101 18.10 0.53 -11.32
C ARG A 101 16.65 0.31 -11.71
N ASN A 102 15.96 -0.61 -11.01
CA ASN A 102 14.55 -0.82 -11.29
C ASN A 102 13.76 0.46 -11.05
N SER A 103 14.06 1.15 -9.95
CA SER A 103 13.35 2.40 -9.66
C SER A 103 13.60 3.44 -10.73
N GLU A 104 14.85 3.57 -11.19
CA GLU A 104 15.15 4.54 -12.24
C GLU A 104 14.37 4.21 -13.52
N ALA A 105 14.39 2.94 -13.93
CA ALA A 105 13.70 2.56 -15.15
C ALA A 105 12.20 2.80 -15.02
N ALA A 106 11.61 2.42 -13.89
CA ALA A 106 10.18 2.62 -13.69
C ALA A 106 9.82 4.09 -13.69
N MET A 107 10.64 4.92 -13.03
CA MET A 107 10.36 6.35 -12.99
C MET A 107 10.41 6.95 -14.39
N LEU A 108 11.43 6.59 -15.16
CA LEU A 108 11.51 7.10 -16.53
C LEU A 108 10.31 6.65 -17.35
N GLN A 109 9.93 5.38 -17.24
CA GLN A 109 8.80 4.89 -18.02
C GLN A 109 7.53 5.62 -17.64
N GLU A 110 7.29 5.81 -16.34
CA GLU A 110 6.05 6.44 -15.91
C GLU A 110 6.02 7.91 -16.29
N LEU A 111 7.15 8.61 -16.18
CA LEU A 111 7.18 10.00 -16.61
C LEU A 111 6.95 10.12 -18.11
N ASN A 112 7.56 9.23 -18.90
CA ASN A 112 7.33 9.25 -20.34
C ASN A 112 5.87 8.97 -20.67
N PHE A 113 5.24 8.03 -19.98
CA PHE A 113 3.83 7.77 -20.21
C PHE A 113 2.98 8.98 -19.83
N GLY A 114 3.30 9.62 -18.71
CA GLY A 114 2.56 10.81 -18.33
C GLY A 114 2.66 11.89 -19.38
N ALA A 115 3.86 12.10 -19.93
CA ALA A 115 4.00 13.06 -21.02
C ALA A 115 3.21 12.63 -22.24
N TYR A 116 3.22 11.34 -22.57
CA TYR A 116 2.47 10.85 -23.72
C TYR A 116 1.00 11.15 -23.57
N LEU A 117 0.44 10.93 -22.38
CA LEU A 117 -0.95 11.31 -22.16
C LEU A 117 -1.13 12.82 -22.21
N GLY A 118 -0.10 13.58 -21.88
CA GLY A 118 -0.23 15.02 -21.80
C GLY A 118 -0.83 15.50 -20.50
N LEU A 119 -0.54 14.83 -19.39
CA LEU A 119 -1.10 15.22 -18.11
C LEU A 119 -0.65 16.65 -17.78
N PRO A 120 -1.56 17.52 -17.33
CA PRO A 120 -1.13 18.87 -16.93
C PRO A 120 -0.16 18.86 -15.76
N ALA A 121 -0.27 17.90 -14.84
CA ALA A 121 0.58 17.88 -13.67
C ALA A 121 0.88 16.44 -13.29
N PHE A 122 1.97 16.26 -12.54
CA PHE A 122 2.39 14.94 -12.10
C PHE A 122 2.95 15.07 -10.69
N LEU A 123 2.59 14.13 -9.82
CA LEU A 123 2.97 14.15 -8.43
C LEU A 123 4.11 13.20 -8.17
N LEU A 124 5.11 13.65 -7.40
CA LEU A 124 6.20 12.81 -6.97
C LEU A 124 6.33 12.94 -5.45
N PRO A 125 6.64 11.88 -4.72
CA PRO A 125 6.71 11.98 -3.27
C PRO A 125 8.11 12.31 -2.77
N LEU A 126 8.16 13.09 -1.70
CA LEU A 126 9.38 13.30 -0.93
C LEU A 126 9.17 12.76 0.47
N ASN A 127 9.95 11.75 0.85
CA ASN A 127 9.81 11.13 2.16
C ASN A 127 11.15 10.80 2.79
N GLN A 128 12.26 11.26 2.22
CA GLN A 128 13.58 10.93 2.74
C GLN A 128 14.52 12.09 2.42
N GLU A 129 15.52 12.27 3.28
CA GLU A 129 16.36 13.46 3.21
C GLU A 129 17.27 13.46 1.99
N ASP A 130 17.50 12.30 1.38
CA ASP A 130 18.35 12.19 0.21
C ASP A 130 17.49 11.83 -1.00
N ASN A 131 17.56 12.66 -2.04
CA ASN A 131 16.84 12.42 -3.28
C ASN A 131 17.69 12.82 -4.49
N THR A 132 19.01 12.73 -4.35
CA THR A 132 19.88 13.18 -5.43
C THR A 132 19.62 12.40 -6.71
N ASN A 133 19.48 11.07 -6.60
CA ASN A 133 19.22 10.28 -7.79
C ASN A 133 17.88 10.62 -8.41
N LEU A 134 16.87 10.89 -7.58
CA LEU A 134 15.58 11.31 -8.11
C LEU A 134 15.70 12.61 -8.89
N ALA A 135 16.46 13.56 -8.36
CA ALA A 135 16.68 14.81 -9.09
C ALA A 135 17.40 14.56 -10.40
N ARG A 136 18.40 13.68 -10.39
CA ARG A 136 19.11 13.36 -11.62
C ARG A 136 18.15 12.83 -12.68
N VAL A 137 17.32 11.85 -12.30
CA VAL A 137 16.39 11.26 -13.25
C VAL A 137 15.40 12.31 -13.75
N LEU A 138 14.89 13.13 -12.83
CA LEU A 138 13.88 14.12 -13.21
C LEU A 138 14.47 15.16 -14.16
N THR A 139 15.72 15.58 -13.93
CA THR A 139 16.34 16.53 -14.83
C THR A 139 16.59 15.91 -16.19
N ASN A 140 17.07 14.66 -16.22
CA ASN A 140 17.25 13.98 -17.49
C ASN A 140 15.95 13.92 -18.26
N HIS A 141 14.83 13.70 -17.56
CA HIS A 141 13.53 13.70 -18.22
C HIS A 141 13.18 15.10 -18.71
N ILE A 142 13.36 16.11 -17.87
CA ILE A 142 12.93 17.46 -18.21
C ILE A 142 13.64 17.96 -19.45
N HIS A 143 14.91 17.62 -19.60
CA HIS A 143 15.67 18.15 -20.73
C HIS A 143 15.38 17.40 -22.05
N THR A 144 14.30 16.64 -22.13
CA THR A 144 13.94 15.97 -23.37
C THR A 144 13.36 16.92 -24.41
N GLY A 145 12.69 17.99 -23.98
CA GLY A 145 12.17 18.99 -24.89
C GLY A 145 10.67 19.18 -24.89
N HIS A 146 9.92 18.35 -24.15
CA HIS A 146 8.48 18.53 -24.06
C HIS A 146 8.13 19.45 -22.90
N HIS A 147 7.31 20.47 -23.18
CA HIS A 147 6.87 21.42 -22.18
C HIS A 147 5.48 21.12 -21.65
N SER A 148 4.99 19.90 -21.88
CA SER A 148 3.58 19.61 -21.63
C SER A 148 3.19 19.75 -20.17
N SER A 149 4.00 19.26 -19.24
CA SER A 149 3.53 19.02 -17.89
C SER A 149 4.41 19.72 -16.87
N MET A 150 3.82 20.02 -15.72
CA MET A 150 4.56 20.44 -14.54
C MET A 150 4.90 19.22 -13.70
N PHE A 151 5.56 19.45 -12.57
CA PHE A 151 5.97 18.38 -11.66
C PHE A 151 5.76 18.83 -10.22
N TRP A 152 4.60 18.53 -9.67
CA TRP A 152 4.33 18.78 -8.26
C TRP A 152 5.09 17.80 -7.39
N MET A 153 5.73 18.30 -6.34
CA MET A 153 6.52 17.47 -5.45
C MET A 153 5.82 17.43 -4.09
N ARG A 154 5.18 16.29 -3.80
CA ARG A 154 4.57 16.10 -2.49
C ARG A 154 5.63 16.19 -1.40
N VAL A 155 5.33 16.96 -0.36
CA VAL A 155 6.24 17.13 0.76
C VAL A 155 5.42 17.53 1.99
N PRO A 156 5.58 16.87 3.12
CA PRO A 156 4.78 17.20 4.30
C PRO A 156 5.38 18.29 5.16
N LEU A 157 4.52 18.93 5.95
CA LEU A 157 4.99 19.91 6.92
C LEU A 157 5.91 19.26 7.95
N VAL A 158 5.51 18.10 8.46
CA VAL A 158 6.24 17.40 9.50
C VAL A 158 6.62 16.03 8.99
N ALA A 159 7.90 15.69 9.10
CA ALA A 159 8.35 14.40 8.63
C ALA A 159 7.67 13.29 9.41
N PRO A 160 7.40 12.13 8.80
CA PRO A 160 6.77 11.04 9.55
C PRO A 160 7.55 10.67 10.80
N GLU A 161 8.88 10.71 10.74
CA GLU A 161 9.69 10.37 11.90
C GLU A 161 9.41 11.26 13.10
N ASP A 162 8.88 12.46 12.89
CA ASP A 162 8.55 13.38 13.97
C ASP A 162 7.06 13.37 14.30
N LEU A 163 6.26 12.56 13.62
CA LEU A 163 4.81 12.54 13.83
C LEU A 163 4.34 11.20 14.41
N ARG A 164 5.20 10.20 14.44
CA ARG A 164 4.82 8.91 15.00
C ARG A 164 4.30 9.09 16.42
N ASP A 165 3.41 8.17 16.81
CA ASP A 165 2.65 8.30 18.05
C ASP A 165 3.46 7.94 19.29
N ASP A 166 4.79 7.81 19.16
CA ASP A 166 5.62 7.52 20.32
C ASP A 166 5.13 6.26 21.03
N ILE A 167 4.77 5.24 20.26
CA ILE A 167 4.32 3.98 20.83
C ILE A 167 5.46 2.99 21.05
N ILE A 168 6.62 3.23 20.45
CA ILE A 168 7.76 2.34 20.64
C ILE A 168 8.33 2.54 22.04
N GLU A 169 8.79 1.45 22.65
CA GLU A 169 9.38 1.49 23.98
C GLU A 169 10.89 1.68 23.94
N ASN A 170 11.59 1.01 23.02
CA ASN A 170 13.04 1.05 23.02
C ASN A 170 13.55 2.46 22.80
N ALA A 171 12.94 3.20 21.87
CA ALA A 171 13.35 4.56 21.58
C ALA A 171 12.63 5.55 22.49
N GLY A 181 14.67 21.69 14.56
CA GLY A 181 14.62 20.42 13.86
C GLY A 181 13.37 20.26 13.01
N GLU A 182 12.43 21.20 13.14
CA GLU A 182 11.20 21.14 12.36
C GLU A 182 11.40 21.60 10.93
N GLU A 183 12.54 22.21 10.60
CA GLU A 183 12.77 22.73 9.27
C GLU A 183 13.27 21.67 8.29
N LYS A 184 13.46 20.43 8.75
CA LYS A 184 14.11 19.43 7.90
C LYS A 184 13.35 19.23 6.60
N THR A 185 12.02 19.33 6.64
CA THR A 185 11.25 19.17 5.41
C THR A 185 11.59 20.27 4.41
N TRP A 186 11.68 21.52 4.86
CA TRP A 186 12.05 22.58 3.95
C TRP A 186 13.48 22.40 3.47
N MET A 187 14.36 21.85 4.31
CA MET A 187 15.70 21.52 3.83
C MET A 187 15.63 20.51 2.70
N TRP A 188 14.78 19.48 2.84
CA TRP A 188 14.60 18.53 1.76
C TRP A 188 14.12 19.20 0.48
N TRP A 189 13.12 20.08 0.59
CA TRP A 189 12.60 20.78 -0.58
C TRP A 189 13.69 21.63 -1.22
N HIS A 190 14.45 22.36 -0.40
CA HIS A 190 15.48 23.24 -0.92
C HIS A 190 16.55 22.45 -1.65
N ASN A 191 17.00 21.34 -1.07
CA ASN A 191 18.03 20.55 -1.73
C ASN A 191 17.54 20.04 -3.08
N PHE A 192 16.30 19.56 -3.13
CA PHE A 192 15.77 19.08 -4.39
C PHE A 192 15.72 20.21 -5.42
N ARG A 193 15.14 21.35 -5.06
CA ARG A 193 14.96 22.41 -6.05
C ARG A 193 16.29 23.01 -6.48
N THR A 194 17.31 22.99 -5.62
CA THR A 194 18.60 23.48 -6.05
C THR A 194 19.31 22.45 -6.94
N LEU A 195 19.09 21.15 -6.68
CA LEU A 195 19.62 20.15 -7.59
C LEU A 195 19.04 20.30 -8.98
N CYS A 196 17.75 20.59 -9.07
CA CYS A 196 17.07 20.77 -10.36
C CYS A 196 17.28 22.18 -10.93
N ASP A 197 18.09 23.00 -10.29
CA ASP A 197 18.46 24.31 -10.83
C ASP A 197 17.25 25.23 -10.92
N TYR A 198 16.41 25.19 -9.89
CA TYR A 198 15.25 26.09 -9.79
C TYR A 198 14.38 26.05 -11.02
N SER A 199 14.31 24.91 -11.71
CA SER A 199 13.51 24.84 -12.92
C SER A 199 12.08 25.21 -12.62
N LYS A 200 11.51 26.09 -13.46
CA LYS A 200 10.16 26.58 -13.21
C LYS A 200 9.12 25.46 -13.28
N ARG A 201 9.46 24.32 -13.87
CA ARG A 201 8.52 23.23 -13.99
C ARG A 201 8.42 22.38 -12.73
N ILE A 202 9.16 22.73 -11.69
CA ILE A 202 9.12 22.02 -10.42
C ILE A 202 8.38 22.91 -9.41
N ALA A 203 7.27 22.42 -8.90
CA ALA A 203 6.48 23.13 -7.91
C ALA A 203 6.23 22.23 -6.71
N VAL A 204 5.66 22.80 -5.65
CA VAL A 204 5.46 22.08 -4.40
C VAL A 204 3.99 21.72 -4.25
N ALA A 205 3.76 20.60 -3.56
CA ALA A 205 2.43 20.07 -3.28
C ALA A 205 2.30 19.88 -1.77
N LEU A 206 2.63 20.94 -1.03
CA LEU A 206 2.64 20.94 0.43
C LEU A 206 1.50 20.11 1.00
N GLU A 207 1.82 19.19 1.89
CA GLU A 207 0.84 18.34 2.55
C GLU A 207 0.67 18.79 3.99
N ILE A 208 -0.58 18.96 4.42
CA ILE A 208 -0.90 19.48 5.75
C ILE A 208 -1.15 18.30 6.68
N GLY A 209 -0.48 18.31 7.83
CA GLY A 209 -0.72 17.31 8.85
C GLY A 209 -1.64 17.80 9.95
N ALA A 210 -1.94 16.90 10.89
CA ALA A 210 -2.85 17.25 11.97
C ALA A 210 -2.29 18.40 12.80
N ASP A 211 -1.00 18.36 13.13
CA ASP A 211 -0.35 19.41 13.89
C ASP A 211 0.41 20.34 12.95
N LEU A 212 0.45 21.62 13.32
CA LEU A 212 1.13 22.61 12.50
C LEU A 212 2.40 23.09 13.19
N PRO A 213 3.44 23.43 12.41
CA PRO A 213 4.68 23.92 13.03
C PRO A 213 4.60 25.37 13.47
N SER A 214 5.72 25.92 13.91
CA SER A 214 5.75 27.30 14.36
C SER A 214 5.37 28.25 13.22
N ASN A 215 5.05 29.49 13.59
CA ASN A 215 4.60 30.47 12.60
C ASN A 215 5.70 30.77 11.58
N HIS A 216 6.95 30.82 12.04
CA HIS A 216 8.04 31.12 11.12
C HIS A 216 8.19 30.04 10.04
N VAL A 217 8.03 28.77 10.42
CA VAL A 217 8.17 27.69 9.44
C VAL A 217 7.13 27.83 8.34
N ILE A 218 5.86 28.05 8.73
CA ILE A 218 4.82 28.22 7.73
C ILE A 218 5.06 29.46 6.90
N ASP A 219 5.53 30.54 7.53
CA ASP A 219 5.77 31.78 6.80
C ASP A 219 6.83 31.58 5.73
N ARG A 220 7.91 30.87 6.07
CA ARG A 220 8.90 30.51 5.06
C ARG A 220 8.32 29.60 3.99
N TRP A 221 7.52 28.61 4.38
CA TRP A 221 6.92 27.68 3.44
C TRP A 221 6.02 28.36 2.44
N LEU A 222 5.39 29.48 2.81
CA LEU A 222 4.52 30.22 1.92
C LEU A 222 5.30 31.10 0.93
N GLY A 223 6.60 31.19 1.07
CA GLY A 223 7.44 31.86 0.10
C GLY A 223 7.89 30.99 -1.05
N GLU A 224 7.39 29.77 -1.14
CA GLU A 224 7.77 28.81 -2.16
C GLU A 224 6.73 28.77 -3.27
N PRO A 225 7.07 28.18 -4.41
CA PRO A 225 6.05 28.01 -5.45
C PRO A 225 5.17 26.82 -5.18
N ILE A 226 4.28 26.94 -4.21
CA ILE A 226 3.30 25.91 -3.91
C ILE A 226 2.17 26.01 -4.93
N LYS A 227 1.90 24.92 -5.65
CA LYS A 227 0.84 24.90 -6.63
C LYS A 227 -0.37 24.10 -6.17
N ALA A 228 -0.20 23.16 -5.25
CA ALA A 228 -1.31 22.39 -4.72
C ALA A 228 -1.08 22.14 -3.24
N ALA A 229 -2.17 21.97 -2.51
CA ALA A 229 -2.12 21.66 -1.09
C ALA A 229 -2.99 20.44 -0.84
N ILE A 230 -2.51 19.55 0.03
CA ILE A 230 -3.16 18.28 0.29
C ILE A 230 -3.74 18.31 1.69
N LEU A 231 -5.04 18.02 1.80
CA LEU A 231 -5.76 18.06 3.07
C LEU A 231 -6.35 16.67 3.34
N PRO A 232 -5.61 15.79 4.00
CA PRO A 232 -6.17 14.48 4.35
C PRO A 232 -7.41 14.64 5.22
N THR A 233 -8.40 13.79 4.96
CA THR A 233 -9.63 13.86 5.74
C THR A 233 -9.38 13.55 7.22
N SER A 234 -8.27 12.89 7.55
CA SER A 234 -7.99 12.54 8.93
C SER A 234 -7.79 13.76 9.82
N ILE A 235 -7.50 14.93 9.24
CA ILE A 235 -7.28 16.13 10.06
C ILE A 235 -8.56 16.88 10.34
N PHE A 236 -9.68 16.50 9.73
CA PHE A 236 -10.94 17.19 9.96
C PHE A 236 -11.52 16.81 11.30
N LEU A 237 -11.97 17.81 12.06
CA LEU A 237 -12.66 17.59 13.31
C LEU A 237 -14.12 17.27 13.01
N THR A 238 -14.95 17.23 14.05
CA THR A 238 -16.37 16.94 13.89
C THR A 238 -17.17 18.03 14.57
N ASN A 239 -18.16 18.57 13.85
CA ASN A 239 -19.00 19.63 14.37
C ASN A 239 -20.16 19.03 15.15
N LYS A 240 -20.77 19.87 16.00
CA LYS A 240 -21.91 19.45 16.81
C LYS A 240 -22.93 18.71 15.95
N LYS A 241 -23.28 19.28 14.81
CA LYS A 241 -24.23 18.63 13.92
C LYS A 241 -23.69 17.31 13.41
N GLY A 242 -22.40 17.27 13.09
CA GLY A 242 -21.77 16.04 12.68
C GLY A 242 -20.90 16.17 11.44
N PHE A 243 -21.09 17.25 10.69
CA PHE A 243 -20.34 17.45 9.47
C PHE A 243 -18.87 17.70 9.76
N PRO A 244 -17.99 17.38 8.82
CA PRO A 244 -16.56 17.64 9.03
C PRO A 244 -16.27 19.13 9.09
N VAL A 245 -15.20 19.47 9.80
CA VAL A 245 -14.83 20.87 10.01
C VAL A 245 -13.36 20.91 10.41
N LEU A 246 -12.73 22.05 10.15
CA LEU A 246 -11.32 22.26 10.46
C LEU A 246 -11.18 23.07 11.74
N SER A 247 -10.06 22.91 12.41
CA SER A 247 -9.80 23.63 13.65
C SER A 247 -9.49 25.09 13.36
N LYS A 248 -9.59 25.92 14.40
CA LYS A 248 -9.48 27.36 14.22
C LYS A 248 -8.05 27.79 13.91
N MET A 249 -7.09 26.89 14.05
CA MET A 249 -5.73 27.18 13.61
C MET A 249 -5.47 26.73 12.18
N HIS A 250 -6.12 25.65 11.73
CA HIS A 250 -6.02 25.27 10.33
C HIS A 250 -6.68 26.31 9.43
N GLN A 251 -7.68 27.01 9.94
CA GLN A 251 -8.37 28.01 9.14
C GLN A 251 -7.42 29.10 8.67
N ARG A 252 -6.50 29.51 9.55
CA ARG A 252 -5.55 30.56 9.18
C ARG A 252 -4.68 30.11 8.02
N LEU A 253 -4.16 28.88 8.10
CA LEU A 253 -3.31 28.38 7.02
C LEU A 253 -4.10 28.22 5.73
N ILE A 254 -5.34 27.74 5.82
CA ILE A 254 -6.15 27.61 4.61
C ILE A 254 -6.40 28.97 3.98
N PHE A 255 -6.69 29.99 4.80
CA PHE A 255 -6.90 31.32 4.25
C PHE A 255 -5.63 31.84 3.58
N ARG A 256 -4.50 31.71 4.24
CA ARG A 256 -3.25 32.20 3.67
C ARG A 256 -2.92 31.48 2.37
N LEU A 257 -3.25 30.19 2.27
CA LEU A 257 -3.07 29.47 1.02
C LEU A 257 -4.03 29.98 -0.06
N LEU A 258 -5.29 30.18 0.30
CA LEU A 258 -6.26 30.71 -0.64
C LEU A 258 -5.78 32.02 -1.23
N LYS A 259 -5.14 32.85 -0.40
CA LYS A 259 -4.52 34.07 -0.94
C LYS A 259 -3.53 33.73 -2.04
N LEU A 260 -2.90 32.55 -1.96
CA LEU A 260 -1.99 32.10 -3.00
C LEU A 260 -2.70 31.44 -4.17
N GLU A 261 -4.01 31.25 -4.09
CA GLU A 261 -4.77 30.57 -5.15
C GLU A 261 -4.23 29.17 -5.40
N VAL A 262 -3.92 28.44 -4.34
CA VAL A 262 -3.38 27.09 -4.49
C VAL A 262 -4.52 26.09 -4.68
N GLN A 263 -4.24 25.05 -5.46
CA GLN A 263 -5.21 23.99 -5.65
C GLN A 263 -5.24 23.08 -4.42
N PHE A 264 -6.41 22.53 -4.12
CA PHE A 264 -6.60 21.66 -2.97
C PHE A 264 -6.86 20.23 -3.43
N ILE A 265 -6.35 19.27 -2.68
CA ILE A 265 -6.48 17.85 -3.01
C ILE A 265 -6.92 17.14 -1.74
N ILE A 266 -8.21 16.93 -1.59
CA ILE A 266 -8.75 16.24 -0.42
C ILE A 266 -8.51 14.74 -0.62
N THR A 267 -7.62 14.17 0.20
CA THR A 267 -7.26 12.76 0.10
C THR A 267 -7.73 12.02 1.34
N GLY A 268 -7.75 10.70 1.23
CA GLY A 268 -8.15 9.83 2.32
C GLY A 268 -9.51 9.21 2.07
N THR A 269 -10.14 8.78 3.16
CA THR A 269 -11.44 8.13 3.12
C THR A 269 -12.44 8.88 3.97
N ASN A 270 -13.68 8.40 3.97
CA ASN A 270 -14.80 9.06 4.64
C ASN A 270 -14.75 8.71 6.12
N HIS A 271 -13.85 9.38 6.84
CA HIS A 271 -13.81 9.20 8.29
C HIS A 271 -15.13 9.60 8.92
N HIS A 272 -15.82 10.59 8.34
CA HIS A 272 -17.17 10.94 8.74
C HIS A 272 -18.14 10.13 7.88
N SER A 273 -18.25 8.84 8.21
CA SER A 273 -19.00 7.91 7.38
C SER A 273 -20.45 8.33 7.25
N GLU A 274 -21.03 8.91 8.30
CA GLU A 274 -22.44 9.27 8.26
C GLU A 274 -22.72 10.25 7.13
N LYS A 275 -21.86 11.24 6.96
CA LYS A 275 -22.01 12.21 5.89
C LYS A 275 -21.27 11.74 4.64
N GLU A 276 -21.67 12.29 3.50
CA GLU A 276 -21.03 11.94 2.24
C GLU A 276 -19.71 12.68 2.10
N PHE A 277 -18.84 12.14 1.24
CA PHE A 277 -17.56 12.79 1.00
C PHE A 277 -17.73 14.20 0.47
N CYS A 278 -18.81 14.47 -0.25
CA CYS A 278 -19.03 15.81 -0.79
C CYS A 278 -18.94 16.86 0.32
N SER A 279 -19.39 16.53 1.53
CA SER A 279 -19.34 17.49 2.62
C SER A 279 -17.92 18.01 2.82
N TYR A 280 -16.93 17.11 2.80
CA TYR A 280 -15.56 17.55 2.99
C TYR A 280 -15.21 18.73 2.10
N LEU A 281 -15.78 18.76 0.90
CA LEU A 281 -15.54 19.87 -0.01
C LEU A 281 -16.48 21.05 0.21
N GLN A 282 -17.76 20.78 0.51
CA GLN A 282 -18.67 21.89 0.75
C GLN A 282 -18.15 22.81 1.84
N TYR A 283 -17.69 22.25 2.95
CA TYR A 283 -17.10 23.09 3.99
C TYR A 283 -15.93 23.91 3.44
N LEU A 284 -15.07 23.29 2.64
CA LEU A 284 -13.97 24.03 2.07
C LEU A 284 -14.44 25.17 1.18
N GLU A 285 -15.62 25.06 0.58
CA GLU A 285 -16.20 26.20 -0.11
C GLU A 285 -16.64 27.29 0.85
N TYR A 286 -17.21 26.91 1.99
CA TYR A 286 -17.67 27.90 2.95
C TYR A 286 -16.55 28.86 3.32
N LEU A 287 -15.34 28.33 3.54
CA LEU A 287 -14.22 29.20 3.80
C LEU A 287 -13.94 30.14 2.64
N SER A 288 -13.93 29.60 1.42
CA SER A 288 -13.58 30.43 0.26
C SER A 288 -14.55 31.59 0.09
N GLN A 289 -15.85 31.32 0.20
CA GLN A 289 -16.83 32.40 0.03
C GLN A 289 -16.86 33.30 1.25
N ASN A 290 -16.40 32.81 2.40
CA ASN A 290 -16.29 33.62 3.61
C ASN A 290 -14.88 34.17 3.81
N ARG A 291 -14.06 34.19 2.76
CA ARG A 291 -12.70 34.69 2.93
C ARG A 291 -12.75 36.16 3.32
N PRO A 292 -11.78 36.63 4.10
CA PRO A 292 -11.77 38.05 4.45
C PRO A 292 -11.77 38.90 3.21
N PRO A 293 -12.51 40.03 3.22
CA PRO A 293 -12.67 40.84 2.01
C PRO A 293 -11.34 41.35 1.45
N CYS B 31 -14.33 -15.39 -16.82
CA CYS B 31 -12.88 -15.57 -16.83
C CYS B 31 -12.24 -14.86 -15.65
N MET B 32 -11.14 -15.44 -15.15
CA MET B 32 -10.44 -14.90 -14.00
C MET B 32 -9.36 -13.91 -14.44
N GLU B 33 -9.03 -13.00 -13.54
CA GLU B 33 -7.96 -12.05 -13.79
C GLU B 33 -6.61 -12.77 -13.86
N ARG B 34 -5.71 -12.23 -14.67
CA ARG B 34 -4.47 -12.93 -14.95
C ARG B 34 -3.65 -13.17 -13.69
N GLN B 35 -3.25 -12.09 -13.01
CA GLN B 35 -2.28 -12.20 -11.92
C GLN B 35 -2.94 -12.78 -10.67
N LEU B 36 -2.44 -13.93 -10.22
CA LEU B 36 -2.82 -14.45 -8.92
C LEU B 36 -2.08 -13.69 -7.84
N GLU B 37 -2.79 -13.34 -6.77
CA GLU B 37 -2.20 -12.58 -5.68
C GLU B 37 -1.91 -13.43 -4.45
N ALA B 38 -2.77 -14.39 -4.12
CA ALA B 38 -2.55 -15.21 -2.96
C ALA B 38 -3.19 -16.58 -3.16
N ALA B 39 -2.61 -17.60 -2.53
CA ALA B 39 -3.07 -18.97 -2.63
C ALA B 39 -2.95 -19.61 -1.24
N ARG B 40 -4.08 -19.68 -0.54
CA ARG B 40 -4.10 -20.16 0.83
C ARG B 40 -4.90 -21.47 0.91
N TYR B 41 -4.33 -22.46 1.57
CA TYR B 41 -5.04 -23.72 1.80
C TYR B 41 -5.93 -23.61 3.03
N ARG B 42 -6.76 -24.62 3.26
CA ARG B 42 -7.54 -24.71 4.49
C ARG B 42 -7.47 -26.15 4.98
N SER B 43 -7.72 -26.34 6.27
CA SER B 43 -7.50 -27.64 6.92
C SER B 43 -8.17 -28.77 6.17
N ASP B 44 -9.37 -28.52 5.64
CA ASP B 44 -10.07 -29.57 4.90
C ASP B 44 -9.27 -30.02 3.68
N GLY B 45 -8.73 -29.07 2.93
CA GLY B 45 -7.96 -29.39 1.75
C GLY B 45 -8.24 -28.46 0.58
N ALA B 46 -9.32 -27.69 0.69
CA ALA B 46 -9.70 -26.76 -0.37
C ALA B 46 -8.57 -25.76 -0.60
N LEU B 47 -8.68 -24.97 -1.68
CA LEU B 47 -7.65 -24.01 -2.03
C LEU B 47 -8.33 -22.71 -2.42
N LEU B 48 -7.96 -21.61 -1.77
CA LEU B 48 -8.53 -20.30 -2.06
C LEU B 48 -7.48 -19.46 -2.78
N LEU B 49 -7.80 -19.09 -4.02
CA LEU B 49 -6.95 -18.23 -4.83
C LEU B 49 -7.59 -16.85 -4.96
N GLY B 50 -6.89 -15.83 -4.49
CA GLY B 50 -7.29 -14.46 -4.69
C GLY B 50 -6.44 -13.84 -5.78
N ALA B 51 -7.10 -13.31 -6.80
CA ALA B 51 -6.41 -12.82 -7.99
C ALA B 51 -6.94 -11.44 -8.34
N SER B 52 -6.12 -10.68 -9.06
CA SER B 52 -6.51 -9.34 -9.49
C SER B 52 -5.83 -9.05 -10.82
N SER B 53 -6.45 -8.16 -11.59
CA SER B 53 -5.92 -7.75 -12.88
C SER B 53 -5.17 -6.44 -12.70
N LEU B 54 -3.84 -6.52 -12.63
CA LEU B 54 -3.01 -5.35 -12.44
C LEU B 54 -2.80 -4.55 -13.72
N SER B 55 -3.25 -5.07 -14.86
CA SER B 55 -3.13 -4.35 -16.12
C SER B 55 -4.38 -4.60 -16.94
N GLY B 56 -4.64 -3.69 -17.88
CA GLY B 56 -5.81 -3.80 -18.73
C GLY B 56 -6.85 -2.75 -18.42
N ARG B 57 -8.00 -2.92 -19.08
CA ARG B 57 -9.08 -1.95 -18.93
C ARG B 57 -9.61 -1.91 -17.51
N CYS B 58 -9.87 -3.07 -16.92
CA CYS B 58 -10.49 -3.17 -15.61
C CYS B 58 -9.49 -3.65 -14.58
N TRP B 59 -9.56 -3.07 -13.39
CA TRP B 59 -8.65 -3.36 -12.28
C TRP B 59 -9.36 -4.08 -11.14
N ALA B 60 -10.51 -4.71 -11.43
CA ALA B 60 -11.27 -5.39 -10.41
C ALA B 60 -10.48 -6.60 -9.90
N GLY B 61 -11.06 -7.31 -8.93
CA GLY B 61 -10.43 -8.50 -8.40
C GLY B 61 -11.40 -9.66 -8.34
N SER B 62 -10.93 -10.83 -7.90
CA SER B 62 -11.81 -11.97 -7.77
C SER B 62 -11.20 -12.96 -6.79
N LEU B 63 -12.06 -13.81 -6.24
CA LEU B 63 -11.66 -14.89 -5.36
C LEU B 63 -12.29 -16.19 -5.85
N TRP B 64 -11.53 -17.27 -5.78
CA TRP B 64 -11.94 -18.58 -6.24
C TRP B 64 -11.63 -19.63 -5.20
N LEU B 65 -12.49 -20.63 -5.08
CA LEU B 65 -12.33 -21.72 -4.15
C LEU B 65 -12.46 -23.04 -4.89
N PHE B 66 -11.48 -23.91 -4.70
CA PHE B 66 -11.43 -25.21 -5.36
C PHE B 66 -11.45 -26.31 -4.33
N LYS B 67 -12.39 -27.24 -4.46
CA LYS B 67 -12.34 -28.46 -3.66
C LYS B 67 -11.14 -29.32 -4.05
N ASP B 68 -10.84 -29.39 -5.35
CA ASP B 68 -9.68 -30.12 -5.84
C ASP B 68 -8.64 -29.11 -6.34
N PRO B 69 -7.56 -28.86 -5.60
CA PRO B 69 -6.60 -27.84 -6.04
C PRO B 69 -6.03 -28.09 -7.42
N CYS B 70 -5.80 -29.35 -7.79
CA CYS B 70 -5.19 -29.64 -9.08
C CYS B 70 -5.99 -29.05 -10.23
N ALA B 71 -7.31 -29.01 -10.11
CA ALA B 71 -8.14 -28.48 -11.18
C ALA B 71 -7.87 -27.01 -11.44
N ALA B 72 -7.45 -26.26 -10.43
CA ALA B 72 -7.23 -24.83 -10.61
C ALA B 72 -6.08 -24.60 -11.60
N PRO B 73 -6.04 -23.42 -12.23
CA PRO B 73 -6.93 -22.26 -12.11
C PRO B 73 -8.07 -22.25 -13.12
N ASN B 74 -8.40 -23.37 -13.74
CA ASN B 74 -9.50 -23.39 -14.72
C ASN B 74 -10.79 -22.92 -14.07
N GLU B 75 -11.29 -21.78 -14.55
CA GLU B 75 -12.51 -21.21 -13.96
C GLU B 75 -13.67 -22.18 -14.05
N GLY B 76 -13.69 -23.04 -15.06
CA GLY B 76 -14.78 -23.99 -15.20
C GLY B 76 -14.85 -25.04 -14.10
N PHE B 77 -13.71 -25.41 -13.52
CA PHE B 77 -13.66 -26.43 -12.48
C PHE B 77 -13.66 -25.84 -11.08
N CYS B 78 -13.75 -24.53 -10.94
CA CYS B 78 -13.77 -23.92 -9.61
C CYS B 78 -14.98 -24.39 -8.83
N SER B 79 -14.78 -24.61 -7.54
CA SER B 79 -15.89 -24.96 -6.67
C SER B 79 -16.82 -23.78 -6.43
N ALA B 80 -16.25 -22.59 -6.23
CA ALA B 80 -17.04 -21.38 -6.07
C ALA B 80 -16.17 -20.19 -6.42
N GLY B 81 -16.80 -19.04 -6.65
CA GLY B 81 -16.04 -17.86 -7.00
C GLY B 81 -16.87 -16.60 -7.02
N VAL B 82 -16.20 -15.45 -6.91
CA VAL B 82 -16.90 -14.17 -6.91
C VAL B 82 -15.95 -13.07 -7.34
N GLN B 83 -16.53 -11.98 -7.82
CA GLN B 83 -15.78 -10.78 -8.19
C GLN B 83 -15.84 -9.78 -7.05
N THR B 84 -14.80 -8.95 -6.96
CA THR B 84 -14.69 -7.94 -5.93
C THR B 84 -14.32 -6.60 -6.57
N GLU B 85 -14.82 -5.53 -5.96
CA GLU B 85 -14.76 -4.21 -6.59
C GLU B 85 -13.34 -3.74 -6.86
N ALA B 86 -12.36 -4.23 -6.12
CA ALA B 86 -10.99 -3.76 -6.28
C ALA B 86 -10.04 -4.92 -6.02
N GLY B 87 -8.77 -4.68 -6.33
CA GLY B 87 -7.76 -5.72 -6.25
C GLY B 87 -7.62 -6.35 -4.89
N VAL B 88 -7.25 -7.63 -4.85
CA VAL B 88 -7.05 -8.35 -3.60
C VAL B 88 -5.56 -8.35 -3.28
N ALA B 89 -5.15 -7.45 -2.38
CA ALA B 89 -3.73 -7.37 -2.01
C ALA B 89 -3.31 -8.60 -1.21
N ASP B 90 -4.16 -9.06 -0.29
CA ASP B 90 -3.84 -10.22 0.51
C ASP B 90 -5.11 -10.70 1.21
N LEU B 91 -5.19 -12.02 1.43
CA LEU B 91 -6.33 -12.64 2.08
C LEU B 91 -5.85 -13.63 3.12
N THR B 92 -6.80 -14.19 3.88
CA THR B 92 -6.47 -15.12 4.95
C THR B 92 -7.74 -15.78 5.44
N TRP B 93 -7.67 -17.08 5.69
CA TRP B 93 -8.81 -17.80 6.26
C TRP B 93 -9.08 -17.33 7.68
N VAL B 94 -10.35 -17.40 8.09
CA VAL B 94 -10.74 -17.01 9.43
C VAL B 94 -11.56 -18.13 10.06
N GLY B 95 -11.31 -19.36 9.64
CA GLY B 95 -12.01 -20.51 10.17
C GLY B 95 -12.35 -21.47 9.05
N GLU B 96 -13.32 -22.33 9.32
CA GLU B 96 -13.78 -23.28 8.31
C GLU B 96 -14.57 -22.61 7.20
N ARG B 97 -14.99 -21.36 7.39
CA ARG B 97 -15.68 -20.62 6.34
C ARG B 97 -15.58 -19.14 6.68
N GLY B 98 -14.90 -18.38 5.82
CA GLY B 98 -14.72 -16.96 6.04
C GLY B 98 -13.35 -16.48 5.58
N ILE B 99 -13.34 -15.41 4.81
CA ILE B 99 -12.12 -14.87 4.23
C ILE B 99 -12.04 -13.39 4.60
N LEU B 100 -10.88 -12.98 5.12
CA LEU B 100 -10.61 -11.58 5.45
C LEU B 100 -9.73 -11.01 4.35
N VAL B 101 -10.35 -10.30 3.42
CA VAL B 101 -9.68 -9.84 2.22
C VAL B 101 -9.22 -8.39 2.40
N ALA B 102 -7.97 -8.13 2.06
CA ALA B 102 -7.43 -6.79 2.00
C ALA B 102 -7.56 -6.25 0.58
N SER B 103 -8.13 -5.06 0.47
CA SER B 103 -8.43 -4.46 -0.82
C SER B 103 -7.55 -3.25 -1.04
N ASP B 104 -7.08 -3.08 -2.28
CA ASP B 104 -6.30 -1.90 -2.61
C ASP B 104 -7.12 -0.62 -2.51
N SER B 105 -8.44 -0.74 -2.42
CA SER B 105 -9.31 0.42 -2.25
C SER B 105 -9.30 0.96 -0.84
N GLY B 106 -8.33 0.59 -0.01
CA GLY B 106 -8.33 1.02 1.37
C GLY B 106 -9.47 0.45 2.18
N ALA B 107 -9.82 -0.81 1.95
CA ALA B 107 -10.93 -1.45 2.64
C ALA B 107 -10.49 -2.81 3.16
N VAL B 108 -11.19 -3.29 4.18
CA VAL B 108 -10.95 -4.61 4.76
C VAL B 108 -12.29 -5.34 4.71
N GLU B 109 -12.45 -6.20 3.71
CA GLU B 109 -13.71 -6.90 3.52
C GLU B 109 -13.69 -8.24 4.22
N LEU B 110 -14.87 -8.74 4.57
CA LEU B 110 -15.01 -10.07 5.18
C LEU B 110 -16.11 -10.81 4.42
N TRP B 111 -15.70 -11.79 3.62
CA TRP B 111 -16.66 -12.65 2.94
C TRP B 111 -16.88 -13.93 3.73
N GLU B 112 -18.08 -14.49 3.61
CA GLU B 112 -18.41 -15.75 4.26
C GLU B 112 -19.09 -16.66 3.25
N LEU B 113 -18.58 -17.88 3.14
CA LEU B 113 -19.13 -18.84 2.19
C LEU B 113 -20.50 -19.33 2.66
N ASP B 114 -21.33 -19.69 1.69
CA ASP B 114 -22.64 -20.23 2.00
C ASP B 114 -22.51 -21.54 2.77
N GLU B 115 -23.65 -22.04 3.25
CA GLU B 115 -23.63 -23.29 4.00
C GLU B 115 -23.14 -24.44 3.15
N ASN B 116 -23.55 -24.48 1.88
CA ASN B 116 -23.16 -25.55 0.96
C ASN B 116 -21.89 -25.19 0.18
N GLU B 117 -21.29 -24.04 0.46
CA GLU B 117 -20.06 -23.62 -0.21
C GLU B 117 -20.26 -23.57 -1.72
N THR B 118 -21.23 -22.76 -2.14
CA THR B 118 -21.52 -22.54 -3.54
C THR B 118 -21.36 -21.08 -3.97
N LEU B 119 -21.42 -20.13 -3.03
CA LEU B 119 -21.23 -18.73 -3.34
C LEU B 119 -20.35 -18.10 -2.28
N ILE B 120 -19.65 -17.05 -2.67
CA ILE B 120 -18.84 -16.28 -1.73
C ILE B 120 -19.61 -15.02 -1.35
N VAL B 121 -20.39 -15.10 -0.27
CA VAL B 121 -21.21 -13.98 0.12
C VAL B 121 -20.38 -12.96 0.89
N SER B 122 -20.78 -11.69 0.77
CA SER B 122 -20.14 -10.61 1.50
C SER B 122 -20.81 -10.41 2.84
N LYS B 123 -20.03 -10.01 3.82
CA LYS B 123 -20.53 -9.77 5.17
C LYS B 123 -20.38 -8.33 5.61
N PHE B 124 -19.20 -7.73 5.44
CA PHE B 124 -19.05 -6.30 5.69
C PHE B 124 -17.79 -5.82 5.00
N CYS B 125 -17.84 -4.55 4.59
CA CYS B 125 -16.71 -3.84 4.01
C CYS B 125 -16.51 -2.53 4.76
N LYS B 126 -15.28 -2.28 5.18
CA LYS B 126 -14.95 -1.09 5.97
C LYS B 126 -13.79 -0.36 5.30
N TYR B 127 -14.02 0.90 4.96
CA TYR B 127 -12.99 1.75 4.38
C TYR B 127 -12.29 2.55 5.47
N GLU B 128 -11.61 1.88 6.39
CA GLU B 128 -10.97 2.56 7.51
C GLU B 128 -9.50 2.91 7.24
N HIS B 129 -8.99 2.66 6.05
CA HIS B 129 -7.63 3.01 5.68
C HIS B 129 -7.64 4.04 4.56
N ASP B 130 -6.64 4.91 4.59
CA ASP B 130 -6.50 5.96 3.58
C ASP B 130 -5.62 5.54 2.41
N ASP B 131 -5.19 4.28 2.37
CA ASP B 131 -4.33 3.81 1.29
C ASP B 131 -4.46 2.30 1.20
N ILE B 132 -3.76 1.72 0.23
CA ILE B 132 -3.80 0.29 0.01
C ILE B 132 -3.45 -0.43 1.31
N VAL B 133 -4.16 -1.52 1.58
CA VAL B 133 -3.87 -2.37 2.74
C VAL B 133 -2.85 -3.42 2.32
N SER B 134 -1.65 -3.35 2.91
CA SER B 134 -0.59 -4.26 2.48
C SER B 134 -0.89 -5.70 2.84
N THR B 135 -1.36 -5.95 4.05
CA THR B 135 -1.59 -7.33 4.48
C THR B 135 -2.49 -7.33 5.70
N VAL B 136 -3.06 -8.50 5.96
CA VAL B 136 -3.92 -8.72 7.14
C VAL B 136 -3.60 -10.09 7.70
N SER B 137 -3.66 -10.21 9.02
CA SER B 137 -3.44 -11.48 9.70
C SER B 137 -4.49 -11.67 10.77
N VAL B 138 -4.72 -12.92 11.14
CA VAL B 138 -5.71 -13.28 12.15
C VAL B 138 -4.97 -13.71 13.41
N LEU B 139 -5.33 -13.09 14.54
CA LEU B 139 -4.70 -13.43 15.80
C LEU B 139 -5.06 -14.86 16.19
N SER B 140 -4.24 -15.43 17.08
CA SER B 140 -4.38 -16.84 17.43
C SER B 140 -5.79 -17.20 17.88
N SER B 141 -6.47 -16.30 18.59
CA SER B 141 -7.80 -16.60 19.08
C SER B 141 -8.81 -16.81 17.95
N GLY B 142 -8.63 -16.13 16.82
CA GLY B 142 -9.53 -16.28 15.70
C GLY B 142 -10.72 -15.34 15.70
N THR B 143 -10.95 -14.60 16.78
CA THR B 143 -12.01 -13.61 16.84
C THR B 143 -11.52 -12.19 16.60
N GLN B 144 -10.25 -12.01 16.25
CA GLN B 144 -9.69 -10.69 16.02
C GLN B 144 -8.69 -10.79 14.87
N ALA B 145 -8.40 -9.63 14.27
CA ALA B 145 -7.49 -9.58 13.15
C ALA B 145 -6.69 -8.29 13.23
N VAL B 146 -5.63 -8.21 12.42
CA VAL B 146 -4.78 -7.03 12.36
C VAL B 146 -4.53 -6.69 10.90
N SER B 147 -4.17 -5.44 10.65
CA SER B 147 -3.90 -5.01 9.29
C SER B 147 -2.95 -3.82 9.33
N GLY B 148 -2.20 -3.67 8.25
CA GLY B 148 -1.32 -2.53 8.10
C GLY B 148 -1.43 -2.00 6.68
N SER B 149 -1.27 -0.69 6.54
CA SER B 149 -1.54 -0.04 5.27
C SER B 149 -0.33 0.80 4.87
N LYS B 150 -0.33 1.22 3.61
CA LYS B 150 0.68 2.14 3.11
C LYS B 150 0.52 3.55 3.69
N ASP B 151 -0.52 3.78 4.47
CA ASP B 151 -0.65 5.02 5.24
C ASP B 151 0.12 4.97 6.54
N ILE B 152 1.13 4.11 6.62
CA ILE B 152 2.01 3.99 7.78
C ILE B 152 1.18 3.79 9.05
N CYS B 153 0.02 3.16 8.91
CA CYS B 153 -0.88 2.93 10.04
C CYS B 153 -1.25 1.46 10.13
N ILE B 154 -1.34 0.98 11.36
CA ILE B 154 -1.81 -0.37 11.67
C ILE B 154 -3.14 -0.23 12.41
N LYS B 155 -4.03 -1.20 12.20
CA LYS B 155 -5.33 -1.22 12.85
C LYS B 155 -5.66 -2.64 13.27
N VAL B 156 -6.29 -2.79 14.43
CA VAL B 156 -6.72 -4.09 14.91
C VAL B 156 -8.25 -4.13 14.94
N TRP B 157 -8.80 -5.19 14.36
CA TRP B 157 -10.24 -5.33 14.16
C TRP B 157 -10.79 -6.46 15.01
N ASP B 158 -12.02 -6.31 15.45
CA ASP B 158 -12.81 -7.38 16.04
C ASP B 158 -13.87 -7.79 15.04
N LEU B 159 -13.73 -9.00 14.49
CA LEU B 159 -14.63 -9.45 13.44
C LEU B 159 -16.06 -9.59 13.92
N ALA B 160 -16.29 -10.11 15.12
CA ALA B 160 -17.65 -10.22 15.63
C ALA B 160 -18.31 -8.85 15.74
N GLN B 161 -17.60 -7.87 16.31
CA GLN B 161 -18.13 -6.53 16.42
C GLN B 161 -17.92 -5.71 15.14
N GLN B 162 -17.13 -6.22 14.20
CA GLN B 162 -16.92 -5.56 12.91
C GLN B 162 -16.57 -4.08 13.08
N VAL B 163 -15.76 -3.78 14.10
CA VAL B 163 -15.30 -2.43 14.36
C VAL B 163 -13.80 -2.47 14.65
N VAL B 164 -13.19 -1.29 14.65
CA VAL B 164 -11.77 -1.18 14.95
C VAL B 164 -11.60 -0.95 16.46
N LEU B 165 -10.74 -1.75 17.08
CA LEU B 165 -10.47 -1.57 18.50
C LEU B 165 -9.39 -0.52 18.71
N SER B 166 -8.29 -0.61 17.96
CA SER B 166 -7.16 0.27 18.18
C SER B 166 -6.47 0.55 16.85
N SER B 167 -5.82 1.71 16.79
CA SER B 167 -5.05 2.13 15.64
C SER B 167 -3.71 2.67 16.14
N TYR B 168 -2.66 2.47 15.34
CA TYR B 168 -1.31 2.84 15.73
C TYR B 168 -0.56 3.37 14.53
N ARG B 169 -0.11 4.62 14.60
CA ARG B 169 0.82 5.16 13.61
C ARG B 169 2.24 5.04 14.15
N ALA B 170 2.65 3.83 14.52
CA ALA B 170 3.97 3.65 15.13
C ALA B 170 5.08 3.79 14.10
N HIS B 171 4.90 3.19 12.93
CA HIS B 171 5.93 3.21 11.91
C HIS B 171 6.05 4.61 11.29
N ALA B 172 7.22 4.88 10.72
CA ALA B 172 7.51 6.15 10.06
C ALA B 172 7.49 6.01 8.54
N ALA B 173 7.02 4.88 8.02
CA ALA B 173 6.98 4.64 6.59
C ALA B 173 5.89 3.62 6.31
N GLN B 174 5.76 3.24 5.04
CA GLN B 174 4.72 2.29 4.67
C GLN B 174 4.96 0.95 5.35
N VAL B 175 3.89 0.36 5.85
CA VAL B 175 3.97 -0.95 6.50
C VAL B 175 4.07 -2.01 5.43
N THR B 176 5.12 -2.82 5.47
CA THR B 176 5.37 -3.82 4.45
C THR B 176 4.76 -5.17 4.78
N CYS B 177 4.82 -5.61 6.03
CA CYS B 177 4.28 -6.91 6.38
C CYS B 177 3.88 -6.93 7.85
N VAL B 178 2.90 -7.78 8.15
CA VAL B 178 2.40 -7.98 9.50
C VAL B 178 2.16 -9.47 9.68
N ALA B 179 2.55 -9.99 10.84
CA ALA B 179 2.44 -11.44 11.09
C ALA B 179 1.99 -11.64 12.53
N ALA B 180 0.80 -12.23 12.70
CA ALA B 180 0.31 -12.50 14.04
C ALA B 180 0.92 -13.80 14.57
N SER B 181 1.20 -13.81 15.87
CA SER B 181 1.77 -15.00 16.48
C SER B 181 0.73 -16.12 16.52
N PRO B 182 1.05 -17.30 15.97
CA PRO B 182 0.11 -18.42 16.03
C PRO B 182 0.17 -19.20 17.34
N HIS B 183 1.06 -18.84 18.25
CA HIS B 183 1.22 -19.57 19.51
C HIS B 183 0.52 -18.89 20.67
N LYS B 184 0.63 -17.57 20.79
CA LYS B 184 0.02 -16.84 21.89
C LYS B 184 -0.72 -15.63 21.34
N ASP B 185 -1.87 -15.33 21.94
CA ASP B 185 -2.75 -14.31 21.40
C ASP B 185 -2.24 -12.90 21.72
N SER B 186 -2.74 -11.94 20.95
CA SER B 186 -2.50 -10.51 21.16
C SER B 186 -1.04 -10.11 21.04
N VAL B 187 -0.26 -10.83 20.22
CA VAL B 187 1.13 -10.47 19.94
C VAL B 187 1.38 -10.68 18.45
N PHE B 188 2.02 -9.69 17.82
CA PHE B 188 2.29 -9.77 16.39
C PHE B 188 3.52 -8.93 16.06
N LEU B 189 4.12 -9.25 14.93
CA LEU B 189 5.28 -8.54 14.41
C LEU B 189 4.89 -7.68 13.23
N SER B 190 5.52 -6.51 13.13
CA SER B 190 5.28 -5.61 12.02
C SER B 190 6.62 -5.15 11.47
N CYS B 191 6.69 -5.03 10.15
CA CYS B 191 7.88 -4.56 9.46
C CYS B 191 7.51 -3.42 8.53
N SER B 192 8.39 -2.43 8.44
CA SER B 192 8.13 -1.24 7.65
C SER B 192 9.36 -0.94 6.80
N GLU B 193 9.20 0.01 5.88
CA GLU B 193 10.27 0.42 4.98
C GLU B 193 11.26 1.37 5.65
N ASP B 194 11.17 1.56 6.96
CA ASP B 194 12.10 2.39 7.70
C ASP B 194 13.06 1.56 8.54
N ASN B 195 13.28 0.29 8.17
CA ASN B 195 14.21 -0.58 8.87
C ASN B 195 13.80 -0.72 10.34
N ARG B 196 12.52 -0.99 10.58
CA ARG B 196 12.01 -1.23 11.93
C ARG B 196 11.25 -2.54 11.96
N ILE B 197 11.52 -3.35 12.97
CA ILE B 197 10.77 -4.58 13.21
C ILE B 197 10.18 -4.50 14.61
N LEU B 198 8.90 -4.14 14.70
CA LEU B 198 8.29 -3.91 16.00
C LEU B 198 7.47 -5.11 16.43
N LEU B 199 7.76 -5.63 17.62
CA LEU B 199 6.92 -6.60 18.29
C LEU B 199 5.85 -5.87 19.09
N TRP B 200 4.65 -6.43 19.10
CA TRP B 200 3.52 -5.77 19.75
C TRP B 200 2.96 -6.67 20.84
N ASP B 201 2.49 -6.03 21.92
CA ASP B 201 1.79 -6.73 22.98
C ASP B 201 0.75 -5.75 23.52
N THR B 202 -0.47 -5.84 23.00
CA THR B 202 -1.50 -4.86 23.32
C THR B 202 -1.99 -4.96 24.76
N ARG B 203 -1.60 -5.99 25.49
CA ARG B 203 -2.09 -6.18 26.85
C ARG B 203 -1.52 -5.17 27.84
N CYS B 204 -0.46 -4.45 27.48
CA CYS B 204 0.25 -3.57 28.39
C CYS B 204 0.41 -2.20 27.78
N PRO B 205 0.54 -1.15 28.60
CA PRO B 205 0.81 0.18 28.05
C PRO B 205 2.15 0.23 27.35
N LYS B 206 2.25 1.13 26.38
CA LYS B 206 3.46 1.21 25.57
C LYS B 206 3.66 -0.13 24.87
N PRO B 207 2.72 -0.53 24.01
CA PRO B 207 2.67 -1.92 23.56
C PRO B 207 3.77 -2.33 22.59
N ALA B 208 4.47 -1.39 21.96
CA ALA B 208 5.40 -1.72 20.89
C ALA B 208 6.83 -1.71 21.39
N SER B 209 7.60 -2.69 20.93
CA SER B 209 9.04 -2.78 21.15
C SER B 209 9.75 -2.70 19.80
N GLN B 210 11.07 -2.84 19.84
CA GLN B 210 11.88 -2.86 18.63
C GLN B 210 12.87 -4.01 18.70
N ILE B 211 12.92 -4.83 17.66
CA ILE B 211 13.81 -5.97 17.57
C ILE B 211 14.64 -5.82 16.31
N GLY B 212 15.95 -5.98 16.43
CA GLY B 212 16.82 -5.81 15.28
C GLY B 212 18.06 -6.68 15.40
N CYS B 213 18.83 -6.69 14.32
CA CYS B 213 20.07 -7.45 14.27
C CYS B 213 21.23 -6.62 14.79
N GLY B 217 21.81 -2.71 8.54
CA GLY B 217 21.35 -3.75 7.65
C GLY B 217 20.45 -3.23 6.55
N TYR B 218 19.60 -4.12 6.02
CA TYR B 218 18.69 -3.78 4.94
C TYR B 218 17.26 -3.95 5.41
N LEU B 219 16.35 -3.30 4.72
CA LEU B 219 14.96 -3.20 5.17
C LEU B 219 14.33 -4.59 5.24
N PRO B 220 13.57 -4.89 6.29
CA PRO B 220 12.80 -6.15 6.29
C PRO B 220 11.71 -6.10 5.23
N THR B 221 11.37 -7.28 4.74
CA THR B 221 10.35 -7.39 3.69
C THR B 221 9.32 -8.49 3.92
N SER B 222 9.61 -9.49 4.75
CA SER B 222 8.63 -10.53 5.04
C SER B 222 8.98 -11.18 6.36
N LEU B 223 7.95 -11.61 7.08
CA LEU B 223 8.09 -12.15 8.43
C LEU B 223 7.37 -13.48 8.53
N ALA B 224 7.82 -14.31 9.46
CA ALA B 224 7.13 -15.55 9.77
C ALA B 224 7.50 -15.99 11.18
N TRP B 225 6.58 -16.66 11.84
CA TRP B 225 6.77 -17.14 13.21
C TRP B 225 6.97 -18.64 13.18
N HIS B 226 7.99 -19.12 13.88
CA HIS B 226 8.21 -20.55 13.99
C HIS B 226 7.00 -21.16 14.70
N PRO B 227 6.33 -22.14 14.11
CA PRO B 227 5.09 -22.64 14.73
C PRO B 227 5.31 -23.49 15.97
N GLN B 228 6.41 -24.24 16.04
CA GLN B 228 6.66 -25.13 17.16
C GLN B 228 7.52 -24.50 18.24
N GLN B 229 7.86 -23.22 18.10
CA GLN B 229 8.64 -22.49 19.09
C GLN B 229 7.92 -21.21 19.45
N SER B 230 8.08 -20.80 20.71
CA SER B 230 7.27 -19.70 21.23
C SER B 230 7.74 -18.35 20.73
N GLU B 231 9.05 -18.15 20.58
CA GLU B 231 9.59 -16.80 20.38
C GLU B 231 10.71 -16.75 19.34
N VAL B 232 10.77 -17.70 18.42
CA VAL B 232 11.78 -17.70 17.37
C VAL B 232 11.09 -17.40 16.04
N PHE B 233 11.54 -16.36 15.36
CA PHE B 233 10.88 -15.93 14.14
C PHE B 233 11.93 -15.59 13.09
N VAL B 234 11.50 -15.69 11.82
CA VAL B 234 12.39 -15.51 10.69
C VAL B 234 11.92 -14.32 9.87
N PHE B 235 12.87 -13.56 9.33
CA PHE B 235 12.54 -12.41 8.52
C PHE B 235 13.50 -12.33 7.34
N GLY B 236 12.97 -11.85 6.21
CA GLY B 236 13.74 -11.67 5.01
C GLY B 236 13.98 -10.18 4.74
N ASP B 237 15.09 -9.90 4.06
CA ASP B 237 15.46 -8.53 3.73
C ASP B 237 15.50 -8.35 2.22
N GLU B 238 15.45 -7.10 1.78
CA GLU B 238 15.29 -6.81 0.35
C GLU B 238 16.42 -7.37 -0.49
N ASN B 239 17.57 -7.65 0.10
CA ASN B 239 18.72 -8.15 -0.63
C ASN B 239 18.65 -9.66 -0.85
N GLY B 240 17.61 -10.31 -0.36
CA GLY B 240 17.45 -11.74 -0.53
C GLY B 240 18.04 -12.56 0.59
N THR B 241 18.36 -11.97 1.72
CA THR B 241 18.91 -12.71 2.84
C THR B 241 17.82 -13.02 3.85
N VAL B 242 17.83 -14.26 4.35
CA VAL B 242 16.86 -14.75 5.32
C VAL B 242 17.56 -14.95 6.64
N SER B 243 16.99 -14.38 7.71
CA SER B 243 17.61 -14.42 9.02
C SER B 243 16.64 -15.02 10.03
N LEU B 244 17.20 -15.75 10.99
CA LEU B 244 16.47 -16.40 12.06
C LEU B 244 16.86 -15.72 13.35
N VAL B 245 15.86 -15.28 14.12
CA VAL B 245 16.08 -14.49 15.31
C VAL B 245 15.28 -15.06 16.46
N ASP B 246 15.79 -14.84 17.68
CA ASP B 246 15.09 -15.18 18.90
C ASP B 246 14.69 -13.88 19.58
N THR B 247 13.45 -13.81 20.06
CA THR B 247 12.96 -12.58 20.67
C THR B 247 13.79 -12.22 21.90
N LYS B 248 14.36 -13.22 22.57
CA LYS B 248 15.22 -12.97 23.72
C LYS B 248 16.67 -12.88 23.27
N VAL B 253 21.57 -13.41 15.91
CA VAL B 253 20.78 -13.81 14.74
C VAL B 253 21.61 -14.72 13.86
N LEU B 254 20.95 -15.63 13.15
CA LEU B 254 21.62 -16.55 12.22
C LEU B 254 21.04 -16.36 10.82
N SER B 255 21.89 -15.94 9.89
CA SER B 255 21.40 -15.48 8.59
C SER B 255 22.04 -16.30 7.48
N SER B 256 21.42 -16.23 6.31
CA SER B 256 21.94 -16.90 5.12
C SER B 256 21.45 -16.19 3.88
N ALA B 257 22.31 -16.14 2.87
CA ALA B 257 21.95 -15.58 1.57
C ALA B 257 21.35 -16.67 0.70
N VAL B 258 20.07 -16.51 0.35
CA VAL B 258 19.29 -17.58 -0.25
C VAL B 258 18.70 -17.13 -1.59
N HIS B 259 18.49 -15.83 -1.75
CA HIS B 259 17.93 -15.27 -2.98
C HIS B 259 18.82 -14.13 -3.44
N SER B 260 18.75 -13.83 -4.74
CA SER B 260 19.46 -12.70 -5.32
C SER B 260 18.58 -11.46 -5.44
N GLN B 261 17.39 -11.49 -4.86
CA GLN B 261 16.48 -10.35 -4.92
C GLN B 261 15.57 -10.41 -3.70
N CYS B 262 14.76 -9.36 -3.54
CA CYS B 262 13.96 -9.21 -2.34
C CYS B 262 13.06 -10.41 -2.11
N VAL B 263 13.05 -10.90 -0.87
CA VAL B 263 12.15 -11.96 -0.46
C VAL B 263 10.75 -11.40 -0.32
N THR B 264 9.77 -12.09 -0.90
CA THR B 264 8.39 -11.63 -0.87
C THR B 264 7.55 -12.31 0.21
N GLY B 265 7.95 -13.49 0.67
CA GLY B 265 7.20 -14.18 1.70
C GLY B 265 7.94 -15.33 2.33
N LEU B 266 7.42 -15.84 3.45
CA LEU B 266 7.97 -16.99 4.13
C LEU B 266 6.83 -17.78 4.74
N VAL B 267 6.85 -19.10 4.56
CA VAL B 267 5.77 -19.95 5.06
C VAL B 267 6.35 -21.24 5.61
N PHE B 268 6.32 -21.38 6.93
CA PHE B 268 6.85 -22.59 7.55
C PHE B 268 5.99 -23.80 7.18
N SER B 269 6.63 -24.96 7.15
CA SER B 269 5.98 -26.20 6.77
C SER B 269 5.12 -26.71 7.93
N PRO B 270 4.17 -27.60 7.65
CA PRO B 270 3.32 -28.14 8.72
C PRO B 270 3.94 -29.30 9.47
N HIS B 271 5.11 -29.78 9.08
CA HIS B 271 5.71 -30.91 9.77
C HIS B 271 6.02 -30.54 11.21
N SER B 272 6.44 -31.54 11.98
CA SER B 272 6.90 -31.31 13.35
C SER B 272 8.29 -30.69 13.40
N VAL B 273 9.03 -30.72 12.29
CA VAL B 273 10.33 -30.07 12.20
C VAL B 273 10.29 -29.19 10.95
N PRO B 274 9.91 -27.92 11.07
CA PRO B 274 9.58 -27.12 9.87
C PRO B 274 10.63 -27.16 8.77
N PHE B 275 10.20 -26.77 7.57
CA PHE B 275 11.02 -26.77 6.36
C PHE B 275 10.86 -25.43 5.64
N LEU B 276 11.07 -24.34 6.37
CA LEU B 276 10.74 -22.99 5.89
C LEU B 276 10.93 -22.83 4.39
N ALA B 277 9.89 -22.32 3.74
CA ALA B 277 9.90 -22.10 2.29
C ALA B 277 9.92 -20.61 2.02
N SER B 278 10.75 -20.20 1.06
CA SER B 278 10.94 -18.79 0.74
C SER B 278 10.79 -18.59 -0.76
N LEU B 279 10.20 -17.45 -1.12
CA LEU B 279 10.00 -17.08 -2.51
C LEU B 279 10.38 -15.61 -2.66
N SER B 280 10.88 -15.25 -3.83
CA SER B 280 11.41 -13.92 -4.07
C SER B 280 11.08 -13.51 -5.49
N GLU B 281 11.40 -12.25 -5.83
CA GLU B 281 11.14 -11.74 -7.15
C GLU B 281 12.04 -12.36 -8.22
N ASP B 282 13.04 -13.14 -7.82
CA ASP B 282 13.84 -13.87 -8.79
C ASP B 282 13.10 -15.03 -9.43
N CYS B 283 11.80 -15.16 -9.18
CA CYS B 283 10.99 -16.23 -9.76
C CYS B 283 11.54 -17.60 -9.38
N SER B 284 11.90 -17.71 -8.10
CA SER B 284 12.52 -18.93 -7.60
C SER B 284 11.92 -19.31 -6.26
N LEU B 285 11.82 -20.61 -6.02
CA LEU B 285 11.37 -21.17 -4.75
C LEU B 285 12.54 -21.88 -4.08
N ALA B 286 12.72 -21.63 -2.78
CA ALA B 286 13.78 -22.28 -2.02
C ALA B 286 13.20 -22.82 -0.72
N VAL B 287 13.27 -24.13 -0.54
CA VAL B 287 12.86 -24.78 0.70
C VAL B 287 14.12 -25.13 1.48
N LEU B 288 14.19 -24.64 2.72
CA LEU B 288 15.42 -24.66 3.51
C LEU B 288 15.28 -25.60 4.71
N ASP B 289 16.41 -25.94 5.30
CA ASP B 289 16.42 -26.73 6.53
C ASP B 289 16.08 -25.84 7.72
N SER B 290 16.23 -26.36 8.93
CA SER B 290 16.06 -25.56 10.14
C SER B 290 17.26 -24.65 10.41
N SER B 291 18.37 -24.84 9.69
CA SER B 291 19.56 -24.03 9.87
C SER B 291 19.77 -23.08 8.69
N LEU B 292 18.73 -22.78 7.93
CA LEU B 292 18.81 -21.86 6.80
C LEU B 292 19.86 -22.29 5.79
N SER B 293 19.94 -23.60 5.53
CA SER B 293 20.75 -24.15 4.45
C SER B 293 19.82 -24.71 3.39
N GLU B 294 20.02 -24.32 2.14
CA GLU B 294 19.09 -24.69 1.09
C GLU B 294 18.98 -26.20 0.98
N LEU B 295 17.74 -26.69 0.90
CA LEU B 295 17.47 -28.12 0.75
C LEU B 295 16.86 -28.47 -0.58
N PHE B 296 16.05 -27.58 -1.16
CA PHE B 296 15.45 -27.82 -2.46
C PHE B 296 15.19 -26.49 -3.14
N ARG B 297 15.26 -26.49 -4.47
CA ARG B 297 15.04 -25.26 -5.23
C ARG B 297 14.25 -25.57 -6.49
N SER B 298 13.48 -24.58 -6.93
CA SER B 298 12.67 -24.73 -8.14
C SER B 298 12.53 -23.39 -8.82
N GLN B 299 12.30 -23.43 -10.14
CA GLN B 299 12.18 -22.24 -10.96
C GLN B 299 11.08 -22.41 -12.01
N ALA B 300 10.04 -23.19 -11.68
CA ALA B 300 8.98 -23.44 -12.65
C ALA B 300 8.26 -22.16 -13.05
N HIS B 301 8.21 -21.18 -12.16
CA HIS B 301 7.53 -19.92 -12.46
C HIS B 301 8.36 -19.09 -13.43
N ARG B 302 7.66 -18.33 -14.27
CA ARG B 302 8.28 -17.43 -15.23
C ARG B 302 8.06 -15.98 -14.87
N ASP B 303 7.58 -15.68 -13.68
CA ASP B 303 7.37 -14.30 -13.24
C ASP B 303 7.48 -14.27 -11.72
N PHE B 304 7.09 -13.15 -11.14
CA PHE B 304 7.14 -13.00 -9.69
C PHE B 304 6.33 -14.10 -9.01
N VAL B 305 6.97 -14.85 -8.12
CA VAL B 305 6.23 -15.76 -7.26
C VAL B 305 5.60 -14.95 -6.14
N ARG B 306 4.29 -15.11 -5.95
CA ARG B 306 3.58 -14.21 -5.05
C ARG B 306 3.08 -14.92 -3.81
N ASP B 307 2.92 -16.23 -3.85
CA ASP B 307 2.52 -16.93 -2.62
C ASP B 307 2.77 -18.42 -2.74
N ALA B 308 2.94 -19.06 -1.58
CA ALA B 308 3.13 -20.49 -1.47
C ALA B 308 2.47 -20.95 -0.18
N THR B 309 1.97 -22.19 -0.20
CA THR B 309 1.30 -22.75 0.97
C THR B 309 1.34 -24.27 0.98
N TRP B 310 1.94 -24.85 2.02
CA TRP B 310 2.02 -26.30 2.13
C TRP B 310 0.63 -26.91 2.20
N SER B 311 0.46 -28.03 1.52
CA SER B 311 -0.84 -28.70 1.59
C SER B 311 -1.03 -29.35 2.96
N PRO B 312 -2.24 -29.29 3.52
CA PRO B 312 -2.50 -29.95 4.81
C PRO B 312 -2.87 -31.42 4.72
N LEU B 313 -3.04 -31.97 3.51
CA LEU B 313 -3.31 -33.39 3.33
C LEU B 313 -2.04 -34.21 3.20
N ASN B 314 -1.11 -33.77 2.36
CA ASN B 314 0.22 -34.37 2.27
C ASN B 314 1.24 -33.28 2.52
N HIS B 315 2.06 -33.47 3.56
CA HIS B 315 2.99 -32.42 3.95
C HIS B 315 4.11 -32.24 2.93
N SER B 316 4.27 -33.19 2.01
CA SER B 316 5.30 -33.07 0.99
C SER B 316 4.86 -32.20 -0.19
N LEU B 317 3.57 -32.00 -0.37
CA LEU B 317 3.07 -31.23 -1.51
C LEU B 317 3.14 -29.74 -1.20
N LEU B 318 3.61 -28.96 -2.16
CA LEU B 318 3.57 -27.51 -2.08
C LEU B 318 2.55 -26.99 -3.09
N THR B 319 2.28 -25.70 -3.05
CA THR B 319 1.36 -25.09 -4.01
C THR B 319 1.65 -23.61 -4.13
N THR B 320 2.24 -23.19 -5.24
CA THR B 320 2.72 -21.82 -5.39
C THR B 320 2.05 -21.15 -6.57
N VAL B 321 1.81 -19.85 -6.43
CA VAL B 321 1.17 -19.04 -7.46
C VAL B 321 1.94 -17.73 -7.60
N GLY B 322 2.10 -17.33 -8.86
CA GLY B 322 2.73 -16.06 -9.18
C GLY B 322 1.96 -15.40 -10.31
N TRP B 323 2.45 -14.24 -10.73
CA TRP B 323 1.75 -13.45 -11.73
C TRP B 323 1.82 -14.06 -13.11
N ASP B 324 2.61 -15.11 -13.32
CA ASP B 324 2.63 -15.78 -14.61
C ASP B 324 1.38 -16.61 -14.87
N HIS B 325 0.39 -16.56 -13.97
CA HIS B 325 -0.86 -17.29 -14.15
C HIS B 325 -0.66 -18.80 -14.11
N GLN B 326 0.28 -19.25 -13.28
CA GLN B 326 0.53 -20.68 -13.10
C GLN B 326 0.36 -21.05 -11.63
N VAL B 327 -0.23 -22.22 -11.39
CA VAL B 327 -0.32 -22.80 -10.06
C VAL B 327 0.49 -24.08 -10.09
N VAL B 328 1.60 -24.13 -9.35
CA VAL B 328 2.58 -25.19 -9.46
C VAL B 328 2.60 -25.98 -8.16
N HIS B 329 2.53 -27.31 -8.28
CA HIS B 329 2.62 -28.22 -7.14
C HIS B 329 4.00 -28.86 -7.15
N HIS B 330 4.77 -28.62 -6.10
CA HIS B 330 6.12 -29.17 -5.97
C HIS B 330 6.10 -30.34 -5.01
N VAL B 331 6.69 -31.45 -5.42
CA VAL B 331 6.87 -32.61 -4.51
C VAL B 331 8.24 -32.42 -3.87
N VAL B 332 8.26 -31.62 -2.80
CA VAL B 332 9.52 -31.33 -2.12
C VAL B 332 10.02 -32.60 -1.43
N PRO B 333 11.31 -32.92 -1.52
CA PRO B 333 11.82 -34.11 -0.82
C PRO B 333 12.00 -33.83 0.66
N THR B 334 11.48 -34.72 1.49
CA THR B 334 11.56 -34.55 2.94
C THR B 334 11.64 -35.90 3.64
N THR C 229 -26.45 24.48 4.37
CA THR C 229 -27.88 24.04 4.40
C THR C 229 -28.39 23.95 5.83
N VAL C 230 -27.88 22.98 6.58
CA VAL C 230 -28.30 22.80 7.96
C VAL C 230 -27.71 23.91 8.82
N ALA C 231 -28.55 24.51 9.67
CA ALA C 231 -28.09 25.56 10.56
C ALA C 231 -26.85 25.09 11.32
N GLY C 232 -25.75 25.83 11.17
CA GLY C 232 -24.50 25.41 11.74
C GLY C 232 -23.79 24.32 10.99
N GLN C 233 -24.20 24.05 9.75
CA GLN C 233 -23.58 22.97 8.99
C GLN C 233 -22.08 23.15 8.90
N PHE C 234 -21.62 24.40 8.90
CA PHE C 234 -20.19 24.71 8.86
C PHE C 234 -19.71 25.39 10.14
N GLU C 235 -20.49 25.35 11.20
CA GLU C 235 -20.10 26.00 12.44
C GLU C 235 -18.91 25.26 13.06
N ASP C 236 -18.03 26.02 13.70
CA ASP C 236 -16.78 25.52 14.21
C ASP C 236 -16.98 24.64 15.44
N ALA C 237 -16.22 23.56 15.50
CA ALA C 237 -16.31 22.61 16.60
C ALA C 237 -15.53 23.12 17.81
N ASP C 238 -15.80 22.49 18.96
CA ASP C 238 -15.14 22.86 20.21
C ASP C 238 -14.19 21.76 20.68
#